data_7QTA
#
_entry.id   7QTA
#
_cell.length_a   43.040
_cell.length_b   48.186
_cell.length_c   65.232
_cell.angle_alpha   107.184
_cell.angle_beta   90.114
_cell.angle_gamma   105.618
#
_symmetry.space_group_name_H-M   'P 1'
#
loop_
_entity.id
_entity.type
_entity.pdbx_description
1 polymer 'Nuclease S1'
2 non-polymer 'ZINC ION'
3 non-polymer 2-acetamido-2-deoxy-beta-D-glucopyranose
4 non-polymer 'PHOSPHATE ION'
5 non-polymer URIDINE
6 non-polymer 'SODIUM ION'
7 non-polymer 2-[BIS-(2-HYDROXY-ETHYL)-AMINO]-2-HYDROXYMETHYL-PROPANE-1,3-DIOL
8 water water
#
_entity_poly.entity_id   1
_entity_poly.type   'polypeptide(L)'
_entity_poly.pdbx_seq_one_letter_code
;WGNLGHETVAYIAQSFVASSTESFCQNILGDDSTSYLANVATWADTYKYTDAGEFSKPYHFIDAQDNPPQSCGVDYDRDC
GSAGCSISAIQNYTNILLESPNGSEALNALKFVVHIIGDIHQPLHDENLEAGGNGIDVTYDGETTNLHHIWDTNMPEEAA
GGYSLSVAKTYADLLTERIKTGTYSSKKDSWTDGIDIKDPVSTSMIWAADANTYVCSTVLDDGLAYINSTDLSGEYYDKS
QPVFEELIAKAGYRLAAWLDLIASQPS
;
_entity_poly.pdbx_strand_id   A,B
#
loop_
_chem_comp.id
_chem_comp.type
_chem_comp.name
_chem_comp.formula
BTB non-polymer 2-[BIS-(2-HYDROXY-ETHYL)-AMINO]-2-HYDROXYMETHYL-PROPANE-1,3-DIOL 'C8 H19 N O5'
NA non-polymer 'SODIUM ION' 'Na 1'
NAG D-saccharide, beta linking 2-acetamido-2-deoxy-beta-D-glucopyranose 'C8 H15 N O6'
PO4 non-polymer 'PHOSPHATE ION' 'O4 P -3'
URI non-polymer URIDINE 'C9 H12 N2 O6'
ZN non-polymer 'ZINC ION' 'Zn 2'
#
# COMPACT_ATOMS: atom_id res chain seq x y z
N TRP A 1 -2.24 -11.55 18.34
CA TRP A 1 -1.53 -11.42 19.63
C TRP A 1 -2.31 -12.15 20.70
N GLY A 2 -1.65 -12.47 21.80
CA GLY A 2 -2.34 -12.84 23.02
C GLY A 2 -2.91 -11.63 23.72
N ASN A 3 -3.43 -11.87 24.91
CA ASN A 3 -4.18 -10.83 25.62
C ASN A 3 -3.32 -9.59 25.90
N LEU A 4 -2.08 -9.77 26.34
CA LEU A 4 -1.21 -8.62 26.65
C LEU A 4 -1.07 -7.74 25.40
N GLY A 5 -0.80 -8.34 24.27
CA GLY A 5 -0.64 -7.53 23.06
C GLY A 5 -1.88 -6.75 22.73
N HIS A 6 -3.05 -7.41 22.77
CA HIS A 6 -4.30 -6.71 22.41
C HIS A 6 -4.59 -5.58 23.39
N GLU A 7 -4.41 -5.83 24.67
CA GLU A 7 -4.66 -4.78 25.68
C GLU A 7 -3.71 -3.60 25.47
N THR A 8 -2.45 -3.89 25.14
CA THR A 8 -1.47 -2.83 24.91
C THR A 8 -1.90 -1.98 23.71
N VAL A 9 -2.25 -2.61 22.61
CA VAL A 9 -2.73 -1.88 21.42
C VAL A 9 -3.90 -0.96 21.83
N ALA A 10 -4.85 -1.50 22.59
CA ALA A 10 -6.03 -0.74 22.98
C ALA A 10 -5.67 0.45 23.88
N TYR A 11 -4.81 0.24 24.86
CA TYR A 11 -4.37 1.37 25.72
C TYR A 11 -3.65 2.44 24.89
N ILE A 12 -2.82 2.05 23.94
CA ILE A 12 -2.16 3.05 23.06
C ILE A 12 -3.25 3.82 22.33
N ALA A 13 -4.23 3.13 21.76
CA ALA A 13 -5.26 3.84 20.98
C ALA A 13 -5.99 4.86 21.89
N GLN A 14 -6.27 4.51 23.13
CA GLN A 14 -6.98 5.43 24.04
C GLN A 14 -6.17 6.73 24.20
N SER A 15 -4.85 6.64 24.15
CA SER A 15 -3.96 7.82 24.29
C SER A 15 -3.94 8.72 23.07
N PHE A 16 -4.48 8.29 21.94
CA PHE A 16 -4.39 9.09 20.70
C PHE A 16 -5.78 9.51 20.20
N VAL A 17 -6.86 8.88 20.62
CA VAL A 17 -8.19 9.27 20.09
C VAL A 17 -8.57 10.67 20.55
N ALA A 18 -9.37 11.33 19.73
CA ALA A 18 -10.04 12.58 20.11
C ALA A 18 -11.01 12.32 21.25
N SER A 19 -11.32 13.36 22.00
CA SER A 19 -12.34 13.31 23.07
C SER A 19 -13.69 12.85 22.54
N SER A 20 -14.12 13.37 21.39
CA SER A 20 -15.44 12.97 20.83
C SER A 20 -15.43 11.48 20.49
N THR A 21 -14.28 10.96 20.08
CA THR A 21 -14.15 9.52 19.74
C THR A 21 -14.24 8.70 21.02
N GLU A 22 -13.52 9.09 22.05
CA GLU A 22 -13.60 8.46 23.39
C GLU A 22 -15.06 8.37 23.83
N SER A 23 -15.79 9.46 23.73
CA SER A 23 -17.21 9.49 24.16
CA SER A 23 -17.21 9.46 24.17
C SER A 23 -18.02 8.49 23.33
N PHE A 24 -17.83 8.51 22.02
CA PHE A 24 -18.56 7.64 21.07
C PHE A 24 -18.35 6.19 21.51
N CYS A 25 -17.10 5.83 21.77
CA CYS A 25 -16.78 4.42 22.10
C CYS A 25 -17.29 4.07 23.49
N GLN A 26 -17.10 4.94 24.48
CA GLN A 26 -17.58 4.68 25.86
C GLN A 26 -19.10 4.45 25.85
N ASN A 27 -19.81 5.21 25.04
CA ASN A 27 -21.29 5.08 24.97
C ASN A 27 -21.65 3.70 24.41
N ILE A 28 -21.00 3.27 23.33
CA ILE A 28 -21.29 1.96 22.70
C ILE A 28 -20.97 0.85 23.69
N LEU A 29 -19.84 0.96 24.38
CA LEU A 29 -19.34 -0.13 25.28
C LEU A 29 -20.03 -0.11 26.64
N GLY A 30 -20.67 0.97 27.04
CA GLY A 30 -21.21 1.10 28.40
C GLY A 30 -20.12 1.12 29.46
N ASP A 31 -18.98 1.75 29.16
CA ASP A 31 -17.80 1.75 30.05
C ASP A 31 -17.13 3.10 29.87
N ASP A 32 -17.07 3.93 30.91
CA ASP A 32 -16.33 5.22 30.80
C ASP A 32 -15.12 5.22 31.72
N SER A 33 -14.60 4.05 32.04
CA SER A 33 -13.35 3.90 32.79
C SER A 33 -12.18 4.30 31.90
N THR A 34 -11.01 4.44 32.52
CA THR A 34 -9.74 4.70 31.82
C THR A 34 -9.20 3.40 31.19
N SER A 35 -9.96 2.31 31.19
CA SER A 35 -9.59 1.07 30.48
C SER A 35 -10.67 0.66 29.46
N TYR A 36 -11.49 1.60 28.99
CA TYR A 36 -12.68 1.24 28.17
C TYR A 36 -12.31 0.39 26.95
N LEU A 37 -11.29 0.74 26.18
CA LEU A 37 -10.94 -0.11 25.02
C LEU A 37 -10.19 -1.35 25.48
N ALA A 38 -9.26 -1.21 26.42
CA ALA A 38 -8.44 -2.37 26.84
C ALA A 38 -9.34 -3.45 27.44
N ASN A 39 -10.43 -3.05 28.09
CA ASN A 39 -11.32 -4.00 28.77
C ASN A 39 -12.04 -4.91 27.77
N VAL A 40 -12.11 -4.55 26.48
CA VAL A 40 -12.84 -5.38 25.47
C VAL A 40 -11.89 -5.94 24.43
N ALA A 41 -10.60 -5.65 24.54
CA ALA A 41 -9.66 -5.92 23.44
C ALA A 41 -9.42 -7.42 23.23
N THR A 42 -9.76 -8.24 24.22
CA THR A 42 -9.55 -9.71 24.13
C THR A 42 -10.85 -10.46 23.83
N TRP A 43 -11.98 -9.77 23.81
CA TRP A 43 -13.30 -10.44 23.68
C TRP A 43 -13.31 -11.35 22.45
N ALA A 44 -12.82 -10.88 21.32
CA ALA A 44 -12.95 -11.67 20.10
C ALA A 44 -12.25 -13.03 20.28
N ASP A 45 -11.16 -13.08 21.05
CA ASP A 45 -10.43 -14.35 21.26
C ASP A 45 -11.14 -15.30 22.21
N THR A 46 -12.08 -14.82 23.01
CA THR A 46 -12.96 -15.74 23.78
CA THR A 46 -12.96 -15.74 23.79
C THR A 46 -14.14 -16.16 22.90
N TYR A 47 -14.72 -15.23 22.19
CA TYR A 47 -15.93 -15.48 21.40
C TYR A 47 -15.71 -16.61 20.42
N LYS A 48 -14.54 -16.64 19.80
CA LYS A 48 -14.27 -17.59 18.69
C LYS A 48 -14.29 -19.03 19.17
N TYR A 49 -14.22 -19.29 20.47
CA TYR A 49 -14.24 -20.68 20.99
C TYR A 49 -15.64 -21.16 21.35
N THR A 50 -16.63 -20.32 21.18
CA THR A 50 -18.04 -20.64 21.43
C THR A 50 -18.71 -21.07 20.13
N ASP A 51 -19.80 -21.81 20.22
CA ASP A 51 -20.55 -22.19 19.01
C ASP A 51 -20.99 -20.93 18.27
N ALA A 52 -21.53 -19.94 18.98
CA ALA A 52 -22.08 -18.72 18.34
C ALA A 52 -20.96 -17.93 17.66
N GLY A 53 -19.75 -18.00 18.17
CA GLY A 53 -18.65 -17.21 17.63
C GLY A 53 -17.76 -17.99 16.67
N GLU A 54 -17.99 -19.26 16.44
CA GLU A 54 -17.10 -20.10 15.60
CA GLU A 54 -17.13 -20.11 15.59
C GLU A 54 -16.91 -19.44 14.23
N PHE A 55 -17.95 -18.82 13.69
CA PHE A 55 -17.96 -18.15 12.38
CA PHE A 55 -17.82 -18.31 12.31
C PHE A 55 -16.80 -17.15 12.27
N SER A 56 -16.43 -16.59 13.41
CA SER A 56 -15.49 -15.44 13.41
C SER A 56 -14.03 -15.87 13.55
N LYS A 57 -13.74 -17.16 13.70
CA LYS A 57 -12.33 -17.61 13.76
CA LYS A 57 -12.33 -17.61 13.76
C LYS A 57 -11.49 -17.06 12.61
N PRO A 58 -11.95 -17.14 11.34
CA PRO A 58 -11.10 -16.68 10.24
C PRO A 58 -10.83 -15.18 10.24
N TYR A 59 -11.59 -14.42 11.00
CA TYR A 59 -11.51 -12.95 11.00
C TYR A 59 -10.24 -12.47 11.68
N HIS A 60 -9.47 -13.35 12.32
CA HIS A 60 -8.25 -12.93 13.01
C HIS A 60 -7.03 -12.86 12.07
N PHE A 61 -7.15 -13.32 10.84
CA PHE A 61 -5.93 -13.39 10.02
CA PHE A 61 -6.01 -13.69 9.96
C PHE A 61 -6.30 -13.27 8.54
N ILE A 62 -5.26 -13.04 7.76
CA ILE A 62 -5.36 -13.17 6.30
C ILE A 62 -4.19 -14.04 5.88
N ASP A 63 -4.50 -15.21 5.31
CA ASP A 63 -3.48 -16.25 5.02
C ASP A 63 -2.74 -15.91 3.72
N ALA A 64 -1.81 -14.97 3.79
CA ALA A 64 -1.08 -14.54 2.60
C ALA A 64 -0.32 -15.72 2.00
N GLN A 65 -0.54 -15.94 0.70
CA GLN A 65 0.08 -17.08 -0.01
C GLN A 65 1.31 -16.57 -0.74
N ASP A 66 2.27 -16.10 0.03
CA ASP A 66 3.56 -15.63 -0.49
C ASP A 66 4.59 -16.73 -0.29
N ASN A 67 5.87 -16.37 -0.35
CA ASN A 67 6.96 -17.36 -0.36
C ASN A 67 8.09 -16.90 0.56
N PRO A 68 7.83 -16.74 1.88
CA PRO A 68 8.86 -16.16 2.73
C PRO A 68 9.94 -17.15 3.11
N PRO A 69 11.16 -16.69 3.44
CA PRO A 69 11.54 -15.27 3.43
C PRO A 69 11.95 -14.68 2.10
N GLN A 70 11.91 -15.47 1.02
CA GLN A 70 12.37 -15.05 -0.32
C GLN A 70 11.49 -13.91 -0.85
N SER A 71 10.19 -14.04 -0.66
CA SER A 71 9.21 -13.10 -1.23
CA SER A 71 9.21 -13.10 -1.23
C SER A 71 8.01 -12.99 -0.31
N CYS A 72 7.60 -11.77 -0.03
N CYS A 72 7.64 -11.74 -0.02
CA CYS A 72 6.40 -11.52 0.80
CA CYS A 72 6.48 -11.33 0.80
C CYS A 72 5.42 -10.64 0.04
C CYS A 72 5.40 -10.76 -0.12
N GLY A 73 4.15 -10.84 0.31
CA GLY A 73 3.06 -10.08 -0.30
C GLY A 73 1.73 -10.58 0.14
N VAL A 74 0.75 -9.69 0.12
CA VAL A 74 -0.64 -9.98 0.50
C VAL A 74 -1.52 -9.50 -0.65
N ASP A 75 -2.45 -10.34 -1.09
N ASP A 75 -2.52 -10.30 -0.98
CA ASP A 75 -3.43 -9.94 -2.13
CA ASP A 75 -3.44 -10.07 -2.12
C ASP A 75 -4.81 -10.34 -1.62
C ASP A 75 -4.85 -10.38 -1.63
N TYR A 76 -5.72 -9.37 -1.51
CA TYR A 76 -7.04 -9.59 -0.85
C TYR A 76 -7.81 -10.70 -1.56
N ASP A 77 -8.00 -10.58 -2.85
CA ASP A 77 -8.85 -11.59 -3.53
C ASP A 77 -8.19 -12.97 -3.51
N ARG A 78 -6.87 -13.03 -3.56
CA ARG A 78 -6.19 -14.35 -3.53
C ARG A 78 -6.27 -14.96 -2.13
N ASP A 79 -6.11 -14.13 -1.11
CA ASP A 79 -5.77 -14.60 0.25
C ASP A 79 -6.93 -14.59 1.24
N CYS A 80 -7.98 -13.83 1.00
CA CYS A 80 -9.04 -13.72 2.04
CA CYS A 80 -9.09 -13.70 1.97
C CYS A 80 -9.74 -15.07 2.20
N GLY A 81 -10.24 -15.63 1.09
CA GLY A 81 -10.96 -16.90 1.13
C GLY A 81 -12.45 -16.73 1.38
N SER A 82 -13.19 -17.81 1.17
CA SER A 82 -14.67 -17.78 1.17
CA SER A 82 -14.68 -17.81 1.18
C SER A 82 -15.23 -17.54 2.58
N ALA A 83 -14.47 -17.88 3.62
CA ALA A 83 -15.00 -17.77 5.00
C ALA A 83 -14.70 -16.40 5.60
N GLY A 84 -14.09 -15.50 4.83
CA GLY A 84 -13.72 -14.17 5.33
C GLY A 84 -12.37 -14.18 5.98
N CYS A 85 -11.95 -13.00 6.39
CA CYS A 85 -10.58 -12.77 6.89
CA CYS A 85 -10.58 -12.77 6.89
C CYS A 85 -10.57 -11.46 7.69
N SER A 86 -9.43 -11.12 8.22
CA SER A 86 -9.30 -9.88 9.00
C SER A 86 -9.74 -8.68 8.17
N ILE A 87 -9.36 -8.63 6.90
CA ILE A 87 -9.65 -7.45 6.03
C ILE A 87 -11.16 -7.38 5.80
N SER A 88 -11.79 -8.51 5.46
CA SER A 88 -13.24 -8.48 5.18
C SER A 88 -14.01 -8.13 6.46
N ALA A 89 -13.50 -8.58 7.61
CA ALA A 89 -14.13 -8.26 8.90
C ALA A 89 -13.99 -6.77 9.21
N ILE A 90 -12.80 -6.20 8.98
CA ILE A 90 -12.67 -4.74 9.21
C ILE A 90 -13.69 -4.00 8.33
N GLN A 91 -13.84 -4.41 7.08
CA GLN A 91 -14.86 -3.74 6.23
C GLN A 91 -16.24 -3.87 6.87
N ASN A 92 -16.64 -5.09 7.20
CA ASN A 92 -18.01 -5.34 7.69
C ASN A 92 -18.25 -4.54 8.97
N TYR A 93 -17.37 -4.68 9.94
CA TYR A 93 -17.63 -4.09 11.26
C TYR A 93 -17.43 -2.57 11.24
N THR A 94 -16.50 -2.07 10.43
CA THR A 94 -16.40 -0.62 10.26
C THR A 94 -17.71 -0.07 9.70
N ASN A 95 -18.23 -0.70 8.66
CA ASN A 95 -19.46 -0.22 7.99
C ASN A 95 -20.65 -0.30 8.96
N ILE A 96 -20.72 -1.31 9.81
CA ILE A 96 -21.79 -1.34 10.85
C ILE A 96 -21.66 -0.10 11.74
N LEU A 97 -20.45 0.26 12.16
CA LEU A 97 -20.28 1.42 13.07
C LEU A 97 -20.54 2.74 12.36
N LEU A 98 -20.30 2.81 11.06
CA LEU A 98 -20.59 4.03 10.26
C LEU A 98 -22.11 4.16 10.05
N GLU A 99 -22.81 3.06 9.80
CA GLU A 99 -24.22 3.06 9.32
C GLU A 99 -25.20 2.88 10.49
N SER A 100 -24.85 2.11 11.52
CA SER A 100 -25.78 1.73 12.60
C SER A 100 -25.10 1.81 13.97
N PRO A 101 -24.46 2.94 14.35
CA PRO A 101 -23.71 2.99 15.60
C PRO A 101 -24.57 2.90 16.86
N ASN A 102 -25.87 3.19 16.74
CA ASN A 102 -26.79 3.11 17.89
C ASN A 102 -27.58 1.79 17.88
N GLY A 103 -27.29 0.87 16.95
CA GLY A 103 -28.00 -0.41 16.82
C GLY A 103 -27.37 -1.51 17.67
N SER A 104 -27.98 -2.68 17.70
CA SER A 104 -27.58 -3.82 18.56
C SER A 104 -26.28 -4.44 18.08
N GLU A 105 -25.86 -4.20 16.83
CA GLU A 105 -24.66 -4.86 16.26
C GLU A 105 -23.41 -4.01 16.58
N ALA A 106 -23.58 -2.76 17.02
CA ALA A 106 -22.46 -1.83 17.21
C ALA A 106 -21.50 -2.33 18.29
N LEU A 107 -22.02 -2.88 19.38
CA LEU A 107 -21.14 -3.31 20.50
C LEU A 107 -20.11 -4.33 19.98
N ASN A 108 -20.57 -5.39 19.35
CA ASN A 108 -19.61 -6.43 18.92
C ASN A 108 -18.75 -5.88 17.79
N ALA A 109 -19.33 -5.05 16.92
CA ALA A 109 -18.55 -4.44 15.82
C ALA A 109 -17.34 -3.69 16.39
N LEU A 110 -17.55 -2.90 17.43
CA LEU A 110 -16.44 -2.10 18.01
C LEU A 110 -15.44 -3.06 18.66
N LYS A 111 -15.90 -4.06 19.38
CA LYS A 111 -14.93 -5.00 19.99
CA LYS A 111 -14.98 -5.06 20.00
C LYS A 111 -14.14 -5.72 18.91
N PHE A 112 -14.75 -6.07 17.80
CA PHE A 112 -14.02 -6.70 16.69
C PHE A 112 -12.99 -5.73 16.11
N VAL A 113 -13.37 -4.49 15.86
CA VAL A 113 -12.39 -3.54 15.26
C VAL A 113 -11.19 -3.36 16.18
N VAL A 114 -11.43 -3.17 17.47
CA VAL A 114 -10.31 -3.00 18.45
C VAL A 114 -9.37 -4.20 18.37
N HIS A 115 -9.91 -5.40 18.37
CA HIS A 115 -9.09 -6.61 18.37
C HIS A 115 -8.36 -6.80 17.03
N ILE A 116 -9.13 -6.74 15.97
CA ILE A 116 -8.63 -7.18 14.63
C ILE A 116 -7.58 -6.18 14.14
N ILE A 117 -7.72 -4.88 14.37
CA ILE A 117 -6.61 -4.00 13.94
CA ILE A 117 -6.62 -3.94 13.98
C ILE A 117 -5.34 -4.41 14.67
N GLY A 118 -5.43 -4.84 15.92
CA GLY A 118 -4.28 -5.45 16.57
C GLY A 118 -3.74 -6.67 15.83
N ASP A 119 -4.61 -7.63 15.51
CA ASP A 119 -4.15 -8.85 14.84
C ASP A 119 -3.53 -8.57 13.48
N ILE A 120 -4.01 -7.62 12.71
CA ILE A 120 -3.42 -7.31 11.40
C ILE A 120 -1.94 -6.97 11.54
N HIS A 121 -1.56 -6.42 12.67
CA HIS A 121 -0.18 -6.02 12.90
C HIS A 121 0.72 -7.13 13.47
N GLN A 122 0.20 -8.31 13.73
CA GLN A 122 1.05 -9.46 14.11
C GLN A 122 1.43 -10.13 12.80
N PRO A 123 2.72 -10.07 12.38
CA PRO A 123 3.05 -10.55 11.03
C PRO A 123 2.54 -11.95 10.69
N LEU A 124 2.58 -12.85 11.66
CA LEU A 124 2.15 -14.23 11.38
C LEU A 124 0.63 -14.38 11.34
N HIS A 125 -0.12 -13.34 11.64
CA HIS A 125 -1.55 -13.26 11.30
C HIS A 125 -1.76 -12.80 9.85
N ASP A 126 -0.67 -12.62 9.11
CA ASP A 126 -0.72 -12.19 7.69
CA ASP A 126 -0.75 -12.20 7.69
C ASP A 126 0.12 -13.15 6.84
N GLU A 127 0.02 -14.44 7.11
CA GLU A 127 0.91 -15.44 6.49
C GLU A 127 0.27 -16.81 6.49
N ASN A 128 0.20 -17.42 5.32
CA ASN A 128 -0.37 -18.78 5.19
C ASN A 128 0.57 -19.86 5.70
N LEU A 129 1.87 -19.71 5.53
CA LEU A 129 2.79 -20.86 5.72
C LEU A 129 2.57 -21.52 7.08
N GLU A 130 2.37 -22.84 7.06
CA GLU A 130 2.24 -23.62 8.31
C GLU A 130 1.16 -23.00 9.23
N ALA A 131 0.03 -22.60 8.68
CA ALA A 131 -1.09 -21.97 9.40
C ALA A 131 -0.56 -20.82 10.24
N GLY A 132 0.04 -19.85 9.58
CA GLY A 132 0.57 -18.69 10.31
C GLY A 132 1.68 -19.07 11.26
N GLY A 133 2.47 -20.11 10.94
CA GLY A 133 3.56 -20.54 11.82
C GLY A 133 3.13 -21.42 12.97
N ASN A 134 1.85 -21.73 13.10
CA ASN A 134 1.42 -22.66 14.17
C ASN A 134 2.09 -24.02 13.97
N GLY A 135 2.34 -24.42 12.72
CA GLY A 135 2.94 -25.74 12.46
C GLY A 135 4.46 -25.76 12.56
N ILE A 136 5.09 -24.67 12.96
CA ILE A 136 6.56 -24.64 13.13
C ILE A 136 6.88 -24.73 14.62
N ASP A 137 7.25 -25.91 15.05
CA ASP A 137 7.59 -26.11 16.47
CA ASP A 137 7.62 -26.16 16.46
C ASP A 137 8.97 -25.49 16.73
N VAL A 138 9.09 -24.86 17.89
CA VAL A 138 10.35 -24.17 18.26
C VAL A 138 10.56 -24.40 19.75
N THR A 139 11.76 -24.08 20.17
CA THR A 139 12.09 -23.99 21.58
C THR A 139 12.22 -22.53 22.00
N TYR A 140 11.64 -22.20 23.14
CA TYR A 140 11.72 -20.84 23.69
C TYR A 140 11.96 -20.95 25.18
N ASP A 141 13.13 -20.49 25.60
CA ASP A 141 13.55 -20.54 27.01
C ASP A 141 13.33 -21.97 27.54
N GLY A 142 13.75 -22.97 26.76
CA GLY A 142 13.74 -24.37 27.20
C GLY A 142 12.37 -25.04 27.03
N GLU A 143 11.34 -24.30 26.66
CA GLU A 143 9.96 -24.85 26.53
C GLU A 143 9.68 -25.11 25.05
N THR A 144 8.93 -26.16 24.78
CA THR A 144 8.46 -26.45 23.42
C THR A 144 7.18 -25.70 23.14
N THR A 145 7.18 -24.96 22.04
CA THR A 145 6.04 -24.12 21.61
C THR A 145 6.09 -24.05 20.10
N ASN A 146 5.47 -23.02 19.53
CA ASN A 146 5.48 -22.87 18.07
C ASN A 146 5.74 -21.41 17.74
N LEU A 147 6.10 -21.19 16.50
CA LEU A 147 6.57 -19.85 16.10
C LEU A 147 5.43 -18.83 16.21
N HIS A 148 4.22 -19.22 15.87
CA HIS A 148 3.07 -18.33 16.02
C HIS A 148 2.94 -17.87 17.47
N HIS A 149 3.00 -18.82 18.37
N HIS A 149 3.01 -18.83 18.39
CA HIS A 149 2.76 -18.58 19.80
CA HIS A 149 2.74 -18.54 19.81
C HIS A 149 3.82 -17.62 20.36
C HIS A 149 3.83 -17.66 20.41
N ILE A 150 5.08 -17.76 19.96
CA ILE A 150 6.10 -16.88 20.57
C ILE A 150 5.92 -15.45 20.08
N TRP A 151 5.42 -15.23 18.88
CA TRP A 151 5.09 -13.88 18.40
C TRP A 151 3.84 -13.34 19.08
N ASP A 152 2.86 -14.20 19.30
CA ASP A 152 1.63 -13.72 19.98
C ASP A 152 1.90 -13.37 21.43
N THR A 153 2.67 -14.21 22.11
CA THR A 153 2.63 -14.31 23.57
C THR A 153 4.02 -14.30 24.21
N ASN A 154 4.85 -15.29 23.96
CA ASN A 154 6.07 -15.42 24.78
C ASN A 154 6.91 -14.15 24.68
N MET A 155 7.14 -13.68 23.46
CA MET A 155 8.07 -12.55 23.29
C MET A 155 7.47 -11.25 23.80
N PRO A 156 6.23 -10.86 23.43
CA PRO A 156 5.65 -9.64 24.00
C PRO A 156 5.59 -9.65 25.53
N GLU A 157 5.25 -10.78 26.11
CA GLU A 157 5.18 -10.86 27.59
C GLU A 157 6.58 -10.74 28.19
N GLU A 158 7.59 -11.32 27.57
CA GLU A 158 8.97 -11.12 28.06
C GLU A 158 9.33 -9.64 28.03
N ALA A 159 9.04 -8.99 26.92
CA ALA A 159 9.41 -7.57 26.77
C ALA A 159 8.65 -6.70 27.76
N ALA A 160 7.37 -6.96 27.93
CA ALA A 160 6.51 -6.15 28.83
C ALA A 160 6.80 -6.42 30.32
N GLY A 161 7.39 -7.59 30.60
CA GLY A 161 7.60 -8.00 31.99
C GLY A 161 6.36 -8.55 32.63
N GLY A 162 5.51 -9.22 31.88
CA GLY A 162 4.33 -9.88 32.44
C GLY A 162 3.20 -9.97 31.43
N TYR A 163 1.99 -10.21 31.91
CA TYR A 163 0.88 -10.64 31.03
C TYR A 163 -0.42 -9.95 31.39
N SER A 164 -0.50 -9.24 32.52
CA SER A 164 -1.76 -8.71 33.08
C SER A 164 -2.16 -7.40 32.42
N LEU A 165 -3.37 -6.98 32.71
CA LEU A 165 -3.88 -5.70 32.21
C LEU A 165 -3.03 -4.54 32.73
N SER A 166 -2.58 -4.57 33.98
CA SER A 166 -1.77 -3.46 34.52
C SER A 166 -0.40 -3.45 33.83
N VAL A 167 0.18 -4.61 33.57
CA VAL A 167 1.45 -4.68 32.81
C VAL A 167 1.23 -4.12 31.40
N ALA A 168 0.11 -4.46 30.76
CA ALA A 168 -0.22 -3.91 29.43
C ALA A 168 -0.32 -2.38 29.48
N LYS A 169 -0.91 -1.84 30.53
CA LYS A 169 -1.05 -0.38 30.64
C LYS A 169 0.34 0.26 30.69
N THR A 170 1.22 -0.31 31.50
CA THR A 170 2.60 0.22 31.60
C THR A 170 3.31 0.12 30.25
N TYR A 171 3.16 -0.99 29.58
CA TYR A 171 3.82 -1.23 28.28
C TYR A 171 3.29 -0.24 27.25
N ALA A 172 1.98 -0.01 27.24
CA ALA A 172 1.35 0.96 26.35
C ALA A 172 1.90 2.36 26.66
N ASP A 173 2.10 2.70 27.92
CA ASP A 173 2.68 4.03 28.25
C ASP A 173 4.06 4.16 27.61
N LEU A 174 4.86 3.10 27.70
CA LEU A 174 6.22 3.11 27.15
C LEU A 174 6.13 3.34 25.63
N LEU A 175 5.28 2.59 24.95
CA LEU A 175 5.23 2.67 23.48
C LEU A 175 4.57 3.99 23.03
N THR A 176 3.61 4.49 23.80
CA THR A 176 3.00 5.81 23.51
C THR A 176 4.06 6.89 23.57
N GLU A 177 4.95 6.84 24.55
CA GLU A 177 6.08 7.80 24.64
CA GLU A 177 6.01 7.87 24.60
C GLU A 177 6.92 7.72 23.37
N ARG A 178 7.21 6.50 22.93
CA ARG A 178 8.06 6.34 21.73
C ARG A 178 7.39 7.00 20.53
N ILE A 179 6.08 6.94 20.44
CA ILE A 179 5.36 7.60 19.32
C ILE A 179 5.40 9.11 19.48
N LYS A 180 5.07 9.61 20.66
CA LYS A 180 4.88 11.07 20.81
CA LYS A 180 4.87 11.07 20.80
C LYS A 180 6.21 11.81 20.69
N THR A 181 7.24 11.30 21.34
CA THR A 181 8.51 12.04 21.46
C THR A 181 9.75 11.19 21.22
N GLY A 182 9.65 9.87 21.35
CA GLY A 182 10.83 9.01 21.42
C GLY A 182 11.12 8.36 20.07
N THR A 183 11.48 7.09 20.12
CA THR A 183 12.04 6.24 19.03
CA THR A 183 12.21 6.55 18.95
C THR A 183 11.31 6.44 17.70
N TYR A 184 9.97 6.56 17.77
CA TYR A 184 9.11 6.54 16.57
C TYR A 184 8.65 7.92 16.18
N SER A 185 9.09 8.95 16.88
CA SER A 185 8.47 10.29 16.78
C SER A 185 8.66 10.89 15.39
N SER A 186 9.75 10.55 14.69
CA SER A 186 10.04 11.13 13.36
C SER A 186 9.49 10.28 12.23
N LYS A 187 8.97 9.10 12.52
CA LYS A 187 8.37 8.25 11.46
C LYS A 187 6.86 8.09 11.64
N LYS A 188 6.32 8.32 12.83
CA LYS A 188 4.87 8.06 13.02
CA LYS A 188 4.87 8.12 13.11
C LYS A 188 3.98 8.99 12.20
N ASP A 189 4.44 10.14 11.74
CA ASP A 189 3.57 11.02 10.93
CA ASP A 189 3.59 11.04 10.93
C ASP A 189 3.31 10.42 9.56
N SER A 190 3.98 9.33 9.19
CA SER A 190 3.73 8.57 7.94
CA SER A 190 3.65 8.62 7.94
C SER A 190 2.85 7.34 8.19
N TRP A 191 2.60 6.97 9.44
CA TRP A 191 1.94 5.68 9.72
C TRP A 191 0.49 5.67 9.30
N THR A 192 -0.15 6.80 9.06
CA THR A 192 -1.55 6.81 8.59
C THR A 192 -1.65 7.20 7.12
N ASP A 193 -0.53 7.22 6.40
CA ASP A 193 -0.62 7.47 4.95
C ASP A 193 -1.54 6.43 4.32
N GLY A 194 -2.42 6.88 3.43
CA GLY A 194 -3.33 6.01 2.69
C GLY A 194 -4.62 5.69 3.46
N ILE A 195 -4.76 6.12 4.70
CA ILE A 195 -5.99 5.82 5.48
C ILE A 195 -7.19 6.43 4.75
N ASP A 196 -8.26 5.67 4.64
CA ASP A 196 -9.47 6.10 3.90
C ASP A 196 -10.68 5.42 4.52
N ILE A 197 -11.49 6.15 5.24
CA ILE A 197 -12.70 5.59 5.87
C ILE A 197 -13.68 5.06 4.82
N LYS A 198 -13.63 5.60 3.63
CA LYS A 198 -14.53 5.16 2.54
C LYS A 198 -14.03 3.87 1.88
N ASP A 199 -12.85 3.38 2.26
CA ASP A 199 -12.27 2.15 1.66
C ASP A 199 -11.57 1.36 2.75
N PRO A 200 -12.35 0.71 3.64
CA PRO A 200 -11.77 -0.12 4.68
C PRO A 200 -10.88 -1.26 4.15
N VAL A 201 -11.21 -1.85 3.00
CA VAL A 201 -10.36 -2.92 2.45
C VAL A 201 -9.01 -2.35 2.07
N SER A 202 -8.97 -1.26 1.30
CA SER A 202 -7.67 -0.67 0.89
CA SER A 202 -7.66 -0.70 0.88
C SER A 202 -6.86 -0.29 2.12
N THR A 203 -7.49 0.34 3.09
CA THR A 203 -6.79 0.84 4.28
C THR A 203 -6.16 -0.33 5.02
N SER A 204 -6.98 -1.32 5.36
CA SER A 204 -6.51 -2.45 6.19
C SER A 204 -5.50 -3.27 5.40
N MET A 205 -5.61 -3.35 4.08
CA MET A 205 -4.61 -4.03 3.26
C MET A 205 -3.25 -3.32 3.29
N ILE A 206 -3.23 -2.00 3.39
CA ILE A 206 -1.94 -1.30 3.54
C ILE A 206 -1.29 -1.78 4.83
N TRP A 207 -2.07 -1.86 5.89
CA TRP A 207 -1.57 -2.26 7.23
CA TRP A 207 -1.50 -2.21 7.21
C TRP A 207 -1.09 -3.69 7.21
N ALA A 208 -1.89 -4.56 6.63
CA ALA A 208 -1.53 -6.00 6.56
C ALA A 208 -0.29 -6.20 5.71
N ALA A 209 -0.19 -5.47 4.61
CA ALA A 209 1.02 -5.58 3.76
C ALA A 209 2.27 -5.09 4.49
N ASP A 210 2.14 -4.01 5.25
CA ASP A 210 3.25 -3.49 6.06
C ASP A 210 3.69 -4.58 7.03
N ALA A 211 2.76 -5.12 7.82
CA ALA A 211 3.15 -6.13 8.80
C ALA A 211 3.74 -7.38 8.12
N ASN A 212 3.15 -7.77 7.00
CA ASN A 212 3.61 -8.98 6.28
C ASN A 212 5.05 -8.83 5.80
N THR A 213 5.52 -7.62 5.50
CA THR A 213 6.92 -7.46 5.09
CA THR A 213 6.93 -7.46 5.08
C THR A 213 7.86 -8.03 6.15
N TYR A 214 7.49 -7.93 7.42
CA TYR A 214 8.36 -8.40 8.51
C TYR A 214 8.39 -9.93 8.59
N VAL A 215 7.47 -10.63 7.92
CA VAL A 215 7.59 -12.10 7.86
C VAL A 215 8.93 -12.43 7.17
N CYS A 216 9.22 -11.72 6.07
CA CYS A 216 10.48 -11.95 5.33
CA CYS A 216 10.48 -12.00 5.32
C CYS A 216 11.69 -11.35 6.04
N SER A 217 11.55 -10.14 6.58
CA SER A 217 12.76 -9.44 7.09
C SER A 217 13.18 -9.93 8.47
N THR A 218 12.23 -10.47 9.23
CA THR A 218 12.43 -10.67 10.68
C THR A 218 11.94 -12.03 11.15
N VAL A 219 10.73 -12.43 10.82
CA VAL A 219 10.16 -13.65 11.41
C VAL A 219 10.93 -14.87 10.90
N LEU A 220 11.17 -14.93 9.59
CA LEU A 220 11.66 -16.17 8.93
C LEU A 220 13.01 -15.93 8.27
N ASP A 221 13.61 -14.76 8.42
CA ASP A 221 14.85 -14.48 7.64
C ASP A 221 16.02 -15.39 8.09
N ASP A 222 16.07 -15.86 9.33
CA ASP A 222 17.18 -16.72 9.80
CA ASP A 222 17.16 -16.73 9.81
C ASP A 222 17.15 -18.05 9.05
N GLY A 223 16.02 -18.40 8.44
CA GLY A 223 15.82 -19.69 7.77
C GLY A 223 15.42 -20.75 8.76
N LEU A 224 14.76 -21.79 8.28
CA LEU A 224 14.10 -22.80 9.14
C LEU A 224 15.11 -23.76 9.77
N ALA A 225 16.31 -23.98 9.23
CA ALA A 225 17.34 -24.77 9.96
C ALA A 225 17.59 -24.13 11.32
N TYR A 226 17.84 -22.83 11.30
CA TYR A 226 18.10 -22.05 12.53
C TYR A 226 16.85 -22.05 13.43
N ILE A 227 15.71 -21.71 12.87
CA ILE A 227 14.46 -21.55 13.66
C ILE A 227 14.07 -22.86 14.32
N ASN A 228 14.25 -23.97 13.63
CA ASN A 228 13.84 -25.29 14.14
C ASN A 228 14.76 -25.78 15.26
N SER A 229 16.00 -25.31 15.28
CA SER A 229 17.10 -25.95 16.05
C SER A 229 17.59 -25.08 17.21
N THR A 230 17.20 -23.82 17.27
CA THR A 230 17.84 -22.84 18.18
C THR A 230 16.83 -22.38 19.21
N ASP A 231 17.25 -22.18 20.45
CA ASP A 231 16.35 -21.55 21.43
C ASP A 231 16.14 -20.09 20.98
N LEU A 232 14.90 -19.71 20.74
CA LEU A 232 14.61 -18.40 20.15
C LEU A 232 14.51 -17.29 21.20
N SER A 233 14.77 -17.59 22.47
CA SER A 233 14.67 -16.57 23.52
C SER A 233 15.92 -15.70 23.60
N GLY A 234 16.97 -16.05 22.86
CA GLY A 234 18.23 -15.29 22.86
C GLY A 234 18.26 -14.31 21.70
N GLU A 235 19.17 -14.51 20.78
CA GLU A 235 19.38 -13.51 19.71
CA GLU A 235 19.41 -13.58 19.64
C GLU A 235 18.11 -13.36 18.87
N TYR A 236 17.28 -14.39 18.68
CA TYR A 236 16.04 -14.22 17.88
C TYR A 236 15.10 -13.21 18.55
N TYR A 237 14.88 -13.37 19.84
CA TYR A 237 14.11 -12.39 20.62
C TYR A 237 14.74 -11.01 20.50
N ASP A 238 16.06 -10.93 20.62
CA ASP A 238 16.73 -9.60 20.60
C ASP A 238 16.42 -8.88 19.29
N LYS A 239 16.40 -9.59 18.17
CA LYS A 239 16.12 -8.94 16.88
C LYS A 239 14.62 -8.74 16.67
N SER A 240 13.80 -9.60 17.27
CA SER A 240 12.33 -9.51 17.09
C SER A 240 11.75 -8.35 17.89
N GLN A 241 12.31 -8.10 19.07
CA GLN A 241 11.71 -7.12 20.00
C GLN A 241 11.46 -5.76 19.37
N PRO A 242 12.43 -5.12 18.69
CA PRO A 242 12.12 -3.81 18.12
C PRO A 242 10.99 -3.88 17.09
N VAL A 243 10.90 -4.98 16.39
CA VAL A 243 9.89 -5.14 15.33
C VAL A 243 8.51 -5.32 15.95
N PHE A 244 8.32 -6.26 16.88
CA PHE A 244 6.96 -6.38 17.41
C PHE A 244 6.59 -5.15 18.24
N GLU A 245 7.54 -4.47 18.88
CA GLU A 245 7.17 -3.27 19.64
C GLU A 245 6.70 -2.19 18.70
N GLU A 246 7.37 -1.99 17.58
CA GLU A 246 6.93 -0.93 16.65
C GLU A 246 5.59 -1.31 16.03
N LEU A 247 5.37 -2.61 15.77
CA LEU A 247 4.07 -3.03 15.17
C LEU A 247 2.93 -2.86 16.17
N ILE A 248 3.16 -3.13 17.44
CA ILE A 248 2.14 -2.88 18.47
C ILE A 248 1.84 -1.39 18.55
N ALA A 249 2.89 -0.56 18.51
CA ALA A 249 2.72 0.90 18.52
C ALA A 249 1.92 1.33 17.28
N LYS A 250 2.29 0.85 16.10
CA LYS A 250 1.55 1.20 14.88
CA LYS A 250 1.55 1.18 14.85
C LYS A 250 0.08 0.77 14.99
N ALA A 251 -0.15 -0.42 15.52
CA ALA A 251 -1.53 -0.92 15.64
C ALA A 251 -2.33 0.05 16.49
N GLY A 252 -1.79 0.46 17.62
CA GLY A 252 -2.55 1.36 18.50
C GLY A 252 -2.76 2.71 17.86
N TYR A 253 -1.73 3.23 17.20
CA TYR A 253 -1.84 4.56 16.54
C TYR A 253 -2.86 4.53 15.40
N ARG A 254 -2.79 3.47 14.61
CA ARG A 254 -3.71 3.31 13.47
C ARG A 254 -5.13 3.00 13.95
N LEU A 255 -5.29 2.21 14.99
CA LEU A 255 -6.61 1.97 15.60
C LEU A 255 -7.21 3.29 16.02
N ALA A 256 -6.43 4.15 16.68
CA ALA A 256 -6.96 5.46 17.11
C ALA A 256 -7.39 6.27 15.91
N ALA A 257 -6.57 6.33 14.88
CA ALA A 257 -6.92 7.12 13.68
C ALA A 257 -8.21 6.59 13.05
N TRP A 258 -8.36 5.28 13.03
CA TRP A 258 -9.54 4.64 12.42
C TRP A 258 -10.79 4.92 13.26
N LEU A 259 -10.67 4.76 14.58
CA LEU A 259 -11.81 5.08 15.46
C LEU A 259 -12.19 6.56 15.30
N ASP A 260 -11.21 7.46 15.20
CA ASP A 260 -11.53 8.89 15.01
C ASP A 260 -12.33 9.08 13.73
N LEU A 261 -11.98 8.39 12.66
CA LEU A 261 -12.73 8.53 11.40
C LEU A 261 -14.13 7.93 11.55
N ILE A 262 -14.25 6.79 12.22
CA ILE A 262 -15.57 6.17 12.46
C ILE A 262 -16.46 7.15 13.24
N ALA A 263 -15.96 7.75 14.30
CA ALA A 263 -16.75 8.61 15.18
C ALA A 263 -16.94 10.03 14.62
N SER A 264 -16.14 10.44 13.61
CA SER A 264 -16.01 11.84 13.17
C SER A 264 -17.34 12.38 12.64
N GLN A 265 -17.65 13.61 12.99
CA GLN A 265 -18.74 14.39 12.37
C GLN A 265 -18.28 15.82 12.23
N PRO A 266 -18.57 16.46 11.07
CA PRO A 266 -18.12 17.84 10.84
C PRO A 266 -18.97 18.83 11.64
N SER A 267 -18.33 19.72 12.40
CA SER A 267 -18.95 20.67 13.38
C SER A 267 -19.57 21.87 12.66
N TRP B 1 -0.81 6.03 -11.06
CA TRP B 1 -1.96 5.13 -11.29
C TRP B 1 -2.13 4.20 -10.10
N GLY B 2 -3.32 3.61 -9.99
CA GLY B 2 -3.48 2.44 -9.12
C GLY B 2 -2.94 1.19 -9.77
N ASN B 3 -3.21 0.08 -9.13
CA ASN B 3 -2.55 -1.19 -9.51
C ASN B 3 -2.91 -1.56 -10.96
N LEU B 4 -4.17 -1.42 -11.34
CA LEU B 4 -4.59 -1.80 -12.70
C LEU B 4 -3.76 -1.01 -13.72
N GLY B 5 -3.65 0.30 -13.52
CA GLY B 5 -2.90 1.07 -14.50
C GLY B 5 -1.45 0.66 -14.60
N HIS B 6 -0.80 0.42 -13.48
CA HIS B 6 0.60 0.00 -13.51
C HIS B 6 0.76 -1.34 -14.20
N GLU B 7 -0.10 -2.29 -13.88
CA GLU B 7 -0.03 -3.63 -14.48
C GLU B 7 -0.26 -3.55 -15.99
N THR B 8 -1.20 -2.69 -16.39
CA THR B 8 -1.47 -2.53 -17.83
C THR B 8 -0.23 -1.97 -18.55
N VAL B 9 0.36 -0.92 -18.00
CA VAL B 9 1.61 -0.34 -18.58
C VAL B 9 2.65 -1.45 -18.72
N ALA B 10 2.80 -2.26 -17.68
CA ALA B 10 3.84 -3.29 -17.68
C ALA B 10 3.55 -4.37 -18.73
N TYR B 11 2.32 -4.83 -18.86
CA TYR B 11 1.98 -5.82 -19.90
C TYR B 11 2.21 -5.23 -21.29
N ILE B 12 1.85 -3.97 -21.50
CA ILE B 12 2.13 -3.36 -22.83
C ILE B 12 3.64 -3.41 -23.07
N ALA B 13 4.45 -3.00 -22.10
CA ALA B 13 5.90 -3.01 -22.29
C ALA B 13 6.38 -4.42 -22.66
N GLN B 14 5.87 -5.44 -22.00
CA GLN B 14 6.27 -6.82 -22.32
C GLN B 14 6.06 -7.12 -23.80
N SER B 15 5.01 -6.57 -24.39
CA SER B 15 4.67 -6.82 -25.80
C SER B 15 5.59 -6.10 -26.79
N PHE B 16 6.40 -5.15 -26.33
CA PHE B 16 7.25 -4.36 -27.25
C PHE B 16 8.74 -4.60 -27.03
N VAL B 17 9.15 -5.11 -25.89
CA VAL B 17 10.61 -5.28 -25.65
C VAL B 17 11.18 -6.34 -26.58
N ALA B 18 12.46 -6.20 -26.86
CA ALA B 18 13.24 -7.22 -27.58
C ALA B 18 13.37 -8.46 -26.69
N SER B 19 13.60 -9.60 -27.30
CA SER B 19 13.83 -10.86 -26.56
C SER B 19 15.03 -10.73 -25.61
N SER B 20 16.11 -10.08 -26.03
CA SER B 20 17.30 -9.95 -25.16
C SER B 20 16.94 -9.10 -23.94
N THR B 21 16.04 -8.13 -24.12
CA THR B 21 15.56 -7.27 -23.02
C THR B 21 14.69 -8.09 -22.06
N GLU B 22 13.77 -8.86 -22.61
CA GLU B 22 12.97 -9.80 -21.81
C GLU B 22 13.89 -10.67 -20.94
N SER B 23 14.93 -11.26 -21.52
CA SER B 23 15.86 -12.14 -20.79
CA SER B 23 15.83 -12.15 -20.76
CA SER B 23 15.82 -12.16 -20.74
C SER B 23 16.53 -11.37 -19.65
N PHE B 24 17.01 -10.18 -19.96
CA PHE B 24 17.74 -9.32 -19.02
C PHE B 24 16.84 -9.08 -17.79
N CYS B 25 15.59 -8.70 -18.05
CA CYS B 25 14.65 -8.35 -16.96
C CYS B 25 14.27 -9.59 -16.17
N GLN B 26 13.95 -10.67 -16.86
CA GLN B 26 13.54 -11.93 -16.19
C GLN B 26 14.68 -12.39 -15.28
N ASN B 27 15.93 -12.21 -15.71
CA ASN B 27 17.11 -12.64 -14.92
C ASN B 27 17.19 -11.82 -13.63
N ILE B 28 17.03 -10.51 -13.72
CA ILE B 28 17.06 -9.61 -12.53
C ILE B 28 15.89 -9.93 -11.60
N LEU B 29 14.69 -10.16 -12.15
CA LEU B 29 13.47 -10.32 -11.33
C LEU B 29 13.33 -11.75 -10.78
N GLY B 30 14.09 -12.72 -11.31
CA GLY B 30 13.89 -14.16 -10.99
C GLY B 30 12.50 -14.64 -11.34
N ASP B 31 11.98 -14.20 -12.48
CA ASP B 31 10.59 -14.49 -12.92
C ASP B 31 10.62 -14.61 -14.44
N ASP B 32 10.40 -15.81 -14.98
CA ASP B 32 10.34 -15.96 -16.48
C ASP B 32 8.92 -16.31 -16.90
N SER B 33 7.92 -15.95 -16.08
CA SER B 33 6.49 -16.06 -16.44
C SER B 33 6.14 -15.03 -17.51
N THR B 34 4.99 -15.20 -18.15
CA THR B 34 4.40 -14.23 -19.10
C THR B 34 3.81 -13.03 -18.36
N SER B 35 4.01 -12.89 -17.06
CA SER B 35 3.62 -11.67 -16.29
C SER B 35 4.82 -11.05 -15.59
N TYR B 36 6.05 -11.27 -16.06
CA TYR B 36 7.27 -10.90 -15.30
C TYR B 36 7.25 -9.40 -14.95
N LEU B 37 6.96 -8.51 -15.88
CA LEU B 37 6.97 -7.07 -15.51
C LEU B 37 5.70 -6.71 -14.72
N ALA B 38 4.56 -7.24 -15.14
CA ALA B 38 3.29 -6.89 -14.49
C ALA B 38 3.27 -7.34 -13.02
N ASN B 39 3.96 -8.43 -12.72
CA ASN B 39 4.01 -8.97 -11.35
C ASN B 39 4.74 -8.05 -10.37
N VAL B 40 5.58 -7.13 -10.86
CA VAL B 40 6.36 -6.22 -9.96
C VAL B 40 5.89 -4.78 -10.12
N ALA B 41 4.94 -4.51 -10.99
CA ALA B 41 4.66 -3.12 -11.39
C ALA B 41 4.02 -2.32 -10.25
N THR B 42 3.53 -2.96 -9.22
CA THR B 42 2.86 -2.26 -8.09
C THR B 42 3.72 -2.21 -6.84
N TRP B 43 4.88 -2.89 -6.87
CA TRP B 43 5.74 -3.00 -5.67
C TRP B 43 6.04 -1.63 -5.07
N ALA B 44 6.36 -0.64 -5.90
CA ALA B 44 6.75 0.66 -5.33
C ALA B 44 5.60 1.22 -4.48
N ASP B 45 4.36 0.95 -4.90
CA ASP B 45 3.19 1.48 -4.15
C ASP B 45 2.95 0.77 -2.81
N THR B 46 3.47 -0.43 -2.62
CA THR B 46 3.43 -1.10 -1.31
CA THR B 46 3.41 -1.08 -1.30
C THR B 46 4.63 -0.62 -0.49
N TYR B 47 5.78 -0.53 -1.11
CA TYR B 47 7.03 -0.22 -0.40
C TYR B 47 6.92 1.14 0.27
N LYS B 48 6.27 2.09 -0.38
CA LYS B 48 6.26 3.48 0.14
C LYS B 48 5.51 3.60 1.47
N TYR B 49 4.67 2.62 1.84
CA TYR B 49 3.90 2.65 3.11
C TYR B 49 4.64 1.99 4.26
N THR B 50 5.86 1.51 4.02
CA THR B 50 6.70 0.88 5.04
C THR B 50 7.74 1.89 5.52
N ASP B 51 8.26 1.69 6.73
N ASP B 51 8.31 1.68 6.71
CA ASP B 51 9.31 2.61 7.22
CA ASP B 51 9.32 2.63 7.25
C ASP B 51 10.47 2.63 6.22
C ASP B 51 10.59 2.60 6.37
N ALA B 52 10.92 1.45 5.78
CA ALA B 52 12.10 1.33 4.88
C ALA B 52 11.86 2.08 3.56
N GLY B 53 10.62 2.12 3.10
CA GLY B 53 10.29 2.73 1.82
C GLY B 53 9.80 4.17 1.91
N GLU B 54 9.64 4.72 3.10
CA GLU B 54 9.11 6.09 3.28
C GLU B 54 9.86 7.09 2.39
N PHE B 55 11.18 6.98 2.30
CA PHE B 55 12.01 7.93 1.53
C PHE B 55 11.56 8.01 0.07
N SER B 56 10.90 6.98 -0.44
CA SER B 56 10.61 6.84 -1.88
C SER B 56 9.24 7.43 -2.23
N LYS B 57 8.46 7.89 -1.25
CA LYS B 57 7.18 8.53 -1.56
C LYS B 57 7.28 9.59 -2.64
N PRO B 58 8.24 10.56 -2.55
CA PRO B 58 8.28 11.64 -3.52
C PRO B 58 8.62 11.19 -4.93
N TYR B 59 9.14 9.99 -5.07
CA TYR B 59 9.61 9.47 -6.38
C TYR B 59 8.46 9.13 -7.32
N HIS B 60 7.22 9.25 -6.87
CA HIS B 60 6.07 8.91 -7.73
C HIS B 60 5.61 10.10 -8.55
N PHE B 61 6.09 11.30 -8.29
CA PHE B 61 5.52 12.47 -8.97
CA PHE B 61 5.49 12.52 -8.87
C PHE B 61 6.56 13.57 -9.09
N ILE B 62 6.22 14.54 -9.93
CA ILE B 62 6.98 15.81 -10.00
C ILE B 62 5.93 16.92 -9.91
N ASP B 63 6.03 17.73 -8.87
CA ASP B 63 5.00 18.75 -8.55
C ASP B 63 5.22 19.98 -9.42
N ALA B 64 4.77 19.92 -10.66
CA ALA B 64 4.96 21.01 -11.63
C ALA B 64 4.24 22.26 -11.11
N GLN B 65 4.96 23.37 -11.01
CA GLN B 65 4.41 24.62 -10.48
C GLN B 65 3.96 25.50 -11.63
N ASP B 66 2.98 25.03 -12.36
CA ASP B 66 2.37 25.76 -13.50
C ASP B 66 1.05 26.38 -13.04
N ASN B 67 0.20 26.76 -13.98
CA ASN B 67 -1.03 27.54 -13.68
C ASN B 67 -2.20 27.01 -14.51
N PRO B 68 -2.60 25.73 -14.32
CA PRO B 68 -3.62 25.15 -15.18
C PRO B 68 -5.01 25.59 -14.80
N PRO B 69 -5.98 25.56 -15.74
CA PRO B 69 -5.78 25.16 -17.13
C PRO B 69 -5.24 26.22 -18.09
N GLN B 70 -4.97 27.44 -17.63
CA GLN B 70 -4.53 28.52 -18.54
C GLN B 70 -3.12 28.24 -19.08
N SER B 71 -2.22 27.71 -18.24
CA SER B 71 -0.79 27.51 -18.60
CA SER B 71 -0.81 27.48 -18.64
C SER B 71 -0.26 26.23 -17.94
N CYS B 72 0.40 25.40 -18.71
N CYS B 72 0.37 25.40 -18.76
CA CYS B 72 1.04 24.17 -18.20
CA CYS B 72 1.06 24.15 -18.36
C CYS B 72 2.51 24.13 -18.58
C CYS B 72 2.57 24.36 -18.43
N GLY B 73 3.31 23.52 -17.73
CA GLY B 73 4.75 23.36 -17.93
C GLY B 73 5.37 22.68 -16.76
N VAL B 74 6.49 22.03 -17.03
CA VAL B 74 7.31 21.33 -16.02
C VAL B 74 8.74 21.82 -16.17
N ASP B 75 9.39 22.09 -15.05
CA ASP B 75 10.81 22.55 -15.05
CA ASP B 75 10.78 22.61 -15.00
C ASP B 75 11.53 21.77 -13.95
N TYR B 76 12.52 20.98 -14.34
CA TYR B 76 13.16 20.00 -13.43
CA TYR B 76 13.16 19.99 -13.43
C TYR B 76 13.72 20.72 -12.20
N ASP B 77 14.53 21.74 -12.40
CA ASP B 77 15.18 22.36 -11.23
C ASP B 77 14.13 23.10 -10.37
N ARG B 78 13.09 23.66 -10.95
CA ARG B 78 12.04 24.37 -10.18
C ARG B 78 11.23 23.36 -9.39
N ASP B 79 10.93 22.24 -10.00
CA ASP B 79 9.80 21.38 -9.57
C ASP B 79 10.21 20.09 -8.88
N CYS B 80 11.45 19.63 -9.01
N CYS B 80 11.46 19.65 -9.04
CA CYS B 80 11.81 18.33 -8.41
CA CYS B 80 11.99 18.38 -8.48
C CYS B 80 11.74 18.47 -6.88
C CYS B 80 11.88 18.39 -6.95
N GLY B 81 12.48 19.42 -6.34
CA GLY B 81 12.57 19.61 -4.89
C GLY B 81 13.68 18.77 -4.26
N SER B 82 13.95 19.04 -2.99
CA SER B 82 15.15 18.51 -2.28
CA SER B 82 15.15 18.52 -2.28
C SER B 82 14.99 17.02 -1.97
N ALA B 83 13.76 16.52 -1.90
CA ALA B 83 13.49 15.13 -1.51
C ALA B 83 13.48 14.22 -2.75
N GLY B 84 13.71 14.77 -3.93
CA GLY B 84 13.65 13.93 -5.15
C GLY B 84 12.26 13.89 -5.74
N CYS B 85 12.18 13.26 -6.88
CA CYS B 85 10.95 13.25 -7.68
CA CYS B 85 10.94 13.23 -7.67
C CYS B 85 11.03 12.11 -8.69
N SER B 86 9.98 11.92 -9.45
CA SER B 86 9.96 10.84 -10.45
C SER B 86 11.16 10.94 -11.37
N ILE B 87 11.49 12.15 -11.81
CA ILE B 87 12.59 12.35 -12.78
C ILE B 87 13.92 11.98 -12.14
N SER B 88 14.18 12.47 -10.93
CA SER B 88 15.46 12.17 -10.28
C SER B 88 15.57 10.67 -9.99
N ALA B 89 14.45 10.02 -9.68
CA ALA B 89 14.43 8.57 -9.42
C ALA B 89 14.71 7.80 -10.72
N ILE B 90 14.11 8.21 -11.84
CA ILE B 90 14.42 7.53 -13.12
C ILE B 90 15.92 7.65 -13.37
N GLN B 91 16.51 8.80 -13.13
CA GLN B 91 17.98 8.92 -13.33
C GLN B 91 18.71 7.93 -12.43
N ASN B 92 18.43 7.96 -11.15
CA ASN B 92 19.16 7.15 -10.19
C ASN B 92 19.02 5.67 -10.51
N TYR B 93 17.80 5.19 -10.70
CA TYR B 93 17.59 3.74 -10.86
C TYR B 93 18.01 3.27 -12.26
N THR B 94 17.86 4.12 -13.28
CA THR B 94 18.39 3.76 -14.61
C THR B 94 19.90 3.59 -14.50
N ASN B 95 20.56 4.52 -13.83
CA ASN B 95 22.04 4.48 -13.78
C ASN B 95 22.50 3.27 -12.95
N ILE B 96 21.75 2.88 -11.92
CA ILE B 96 22.09 1.62 -11.19
C ILE B 96 22.02 0.44 -12.17
N LEU B 97 21.00 0.40 -13.01
CA LEU B 97 20.86 -0.75 -13.94
C LEU B 97 21.90 -0.71 -15.06
N LEU B 98 22.39 0.46 -15.44
CA LEU B 98 23.42 0.56 -16.49
C LEU B 98 24.77 0.14 -15.91
N GLU B 99 25.04 0.49 -14.64
CA GLU B 99 26.38 0.35 -14.02
C GLU B 99 26.50 -0.99 -13.29
N SER B 100 25.43 -1.44 -12.64
CA SER B 100 25.48 -2.58 -11.69
C SER B 100 24.27 -3.48 -11.86
N PRO B 101 23.99 -3.98 -13.08
CA PRO B 101 22.80 -4.79 -13.29
C PRO B 101 22.84 -6.14 -12.56
N ASN B 102 24.02 -6.65 -12.17
CA ASN B 102 24.14 -7.96 -11.48
C ASN B 102 24.33 -7.77 -9.97
N GLY B 103 24.15 -6.55 -9.49
CA GLY B 103 24.32 -6.22 -8.06
C GLY B 103 23.01 -6.34 -7.30
N SER B 104 23.08 -6.06 -5.99
CA SER B 104 21.97 -6.26 -5.04
C SER B 104 20.92 -5.17 -5.19
N GLU B 105 21.30 -4.05 -5.83
CA GLU B 105 20.40 -2.88 -6.02
C GLU B 105 19.58 -3.00 -7.31
N ALA B 106 19.95 -3.87 -8.24
CA ALA B 106 19.28 -3.97 -9.56
C ALA B 106 17.80 -4.36 -9.42
N LEU B 107 17.46 -5.26 -8.51
CA LEU B 107 16.07 -5.74 -8.42
C LEU B 107 15.14 -4.55 -8.14
N ASN B 108 15.40 -3.82 -7.05
CA ASN B 108 14.51 -2.68 -6.72
C ASN B 108 14.62 -1.61 -7.80
N ALA B 109 15.80 -1.39 -8.37
CA ALA B 109 15.93 -0.36 -9.42
C ALA B 109 14.99 -0.69 -10.58
N LEU B 110 14.95 -1.95 -11.00
CA LEU B 110 14.08 -2.33 -12.12
C LEU B 110 12.62 -2.14 -11.72
N LYS B 111 12.25 -2.57 -10.51
N LYS B 111 12.25 -2.59 -10.51
CA LYS B 111 10.83 -2.40 -10.10
CA LYS B 111 10.86 -2.42 -10.02
C LYS B 111 10.46 -0.92 -10.02
C LYS B 111 10.48 -0.93 -10.02
N PHE B 112 11.38 -0.07 -9.58
CA PHE B 112 11.13 1.39 -9.58
C PHE B 112 10.94 1.89 -11.00
N VAL B 113 11.80 1.48 -11.94
CA VAL B 113 11.69 1.99 -13.33
C VAL B 113 10.34 1.57 -13.95
N VAL B 114 9.96 0.32 -13.77
CA VAL B 114 8.67 -0.16 -14.32
C VAL B 114 7.52 0.68 -13.77
N HIS B 115 7.51 0.92 -12.47
CA HIS B 115 6.39 1.67 -11.85
C HIS B 115 6.44 3.15 -12.26
N ILE B 116 7.59 3.76 -12.10
CA ILE B 116 7.66 5.25 -12.19
C ILE B 116 7.45 5.69 -13.63
N ILE B 117 7.92 4.95 -14.63
CA ILE B 117 7.60 5.39 -16.00
CA ILE B 117 7.60 5.33 -16.03
C ILE B 117 6.07 5.39 -16.17
N GLY B 118 5.37 4.43 -15.58
CA GLY B 118 3.90 4.52 -15.53
C GLY B 118 3.43 5.81 -14.88
N ASP B 119 3.89 6.11 -13.67
CA ASP B 119 3.41 7.29 -12.93
C ASP B 119 3.69 8.59 -13.69
N ILE B 120 4.80 8.71 -14.42
CA ILE B 120 5.06 9.95 -15.17
C ILE B 120 3.97 10.23 -16.19
N HIS B 121 3.33 9.20 -16.67
CA HIS B 121 2.25 9.37 -17.66
C HIS B 121 0.86 9.64 -17.07
N GLN B 122 0.71 9.65 -15.75
CA GLN B 122 -0.55 10.05 -15.11
C GLN B 122 -0.46 11.55 -14.95
N PRO B 123 -1.24 12.36 -15.68
CA PRO B 123 -1.02 13.81 -15.68
C PRO B 123 -0.97 14.45 -14.30
N LEU B 124 -1.78 13.97 -13.38
CA LEU B 124 -1.81 14.57 -12.03
C LEU B 124 -0.62 14.13 -11.17
N HIS B 125 0.19 13.20 -11.64
CA HIS B 125 1.53 12.94 -11.07
C HIS B 125 2.57 13.94 -11.61
N ASP B 126 2.15 14.90 -12.40
CA ASP B 126 3.03 15.94 -12.98
CA ASP B 126 3.06 15.94 -12.94
C ASP B 126 2.42 17.32 -12.70
N GLU B 127 1.93 17.54 -11.49
CA GLU B 127 1.14 18.76 -11.20
C GLU B 127 1.18 19.05 -9.72
N ASN B 128 1.56 20.27 -9.34
CA ASN B 128 1.60 20.66 -7.93
C ASN B 128 0.20 20.96 -7.36
N LEU B 129 -0.68 21.53 -8.15
CA LEU B 129 -1.94 22.11 -7.62
C LEU B 129 -2.66 21.11 -6.71
N GLU B 130 -2.93 21.53 -5.49
CA GLU B 130 -3.71 20.74 -4.50
C GLU B 130 -3.10 19.34 -4.37
N ALA B 131 -1.79 19.28 -4.27
CA ALA B 131 -1.06 18.00 -4.11
C ALA B 131 -1.45 17.03 -5.24
N GLY B 132 -1.25 17.44 -6.47
CA GLY B 132 -1.61 16.58 -7.60
C GLY B 132 -3.09 16.30 -7.67
N GLY B 133 -3.90 17.25 -7.25
CA GLY B 133 -5.36 17.07 -7.24
C GLY B 133 -5.91 16.23 -6.11
N ASN B 134 -5.09 15.80 -5.17
CA ASN B 134 -5.59 15.07 -3.98
C ASN B 134 -6.50 15.98 -3.15
N GLY B 135 -6.25 17.26 -3.20
CA GLY B 135 -7.03 18.23 -2.39
C GLY B 135 -8.30 18.70 -3.09
N ILE B 136 -8.60 18.19 -4.28
CA ILE B 136 -9.82 18.57 -5.04
C ILE B 136 -10.85 17.45 -4.84
N ASP B 137 -11.77 17.68 -3.91
CA ASP B 137 -12.86 16.70 -3.67
C ASP B 137 -13.80 16.72 -4.84
N VAL B 138 -14.24 15.53 -5.24
CA VAL B 138 -15.20 15.39 -6.37
C VAL B 138 -16.17 14.27 -6.05
N THR B 139 -17.22 14.23 -6.82
CA THR B 139 -18.16 13.11 -6.81
C THR B 139 -17.93 12.26 -8.04
N TYR B 140 -17.90 10.95 -7.86
CA TYR B 140 -17.72 10.02 -8.99
C TYR B 140 -18.72 8.89 -8.79
N ASP B 141 -19.73 8.82 -9.67
CA ASP B 141 -20.79 7.81 -9.57
C ASP B 141 -21.34 7.77 -8.15
N GLY B 142 -21.67 8.94 -7.65
CA GLY B 142 -22.37 9.10 -6.37
C GLY B 142 -21.47 9.02 -5.14
N GLU B 143 -20.18 8.71 -5.32
CA GLU B 143 -19.24 8.49 -4.21
C GLU B 143 -18.35 9.72 -4.09
N THR B 144 -18.04 10.10 -2.88
CA THR B 144 -17.11 11.20 -2.59
C THR B 144 -15.68 10.69 -2.70
N THR B 145 -14.89 11.33 -3.52
CA THR B 145 -13.48 10.97 -3.77
C THR B 145 -12.72 12.26 -4.08
N ASN B 146 -11.61 12.13 -4.78
CA ASN B 146 -10.83 13.32 -5.16
C ASN B 146 -10.37 13.14 -6.61
N LEU B 147 -9.95 14.23 -7.18
CA LEU B 147 -9.64 14.26 -8.62
C LEU B 147 -8.43 13.36 -8.91
N HIS B 148 -7.44 13.34 -8.02
CA HIS B 148 -6.29 12.45 -8.24
C HIS B 148 -6.74 11.01 -8.31
N HIS B 149 -7.56 10.60 -7.36
CA HIS B 149 -7.99 9.20 -7.23
CA HIS B 149 -7.96 9.18 -7.24
C HIS B 149 -8.78 8.75 -8.46
N ILE B 150 -9.62 9.63 -9.03
CA ILE B 150 -10.42 9.14 -10.19
C ILE B 150 -9.51 8.92 -11.41
N TRP B 151 -8.46 9.71 -11.55
CA TRP B 151 -7.49 9.50 -12.64
C TRP B 151 -6.63 8.26 -12.35
N ASP B 152 -6.25 8.02 -11.10
CA ASP B 152 -5.45 6.81 -10.80
C ASP B 152 -6.27 5.55 -11.00
N THR B 153 -7.53 5.57 -10.56
CA THR B 153 -8.25 4.33 -10.22
C THR B 153 -9.67 4.31 -10.81
N ASN B 154 -10.54 5.21 -10.41
CA ASN B 154 -11.97 5.02 -10.75
C ASN B 154 -12.15 4.95 -12.26
N MET B 155 -11.55 5.88 -12.99
CA MET B 155 -11.81 5.94 -14.42
C MET B 155 -11.11 4.79 -15.16
N PRO B 156 -9.79 4.51 -14.94
CA PRO B 156 -9.20 3.38 -15.64
C PRO B 156 -9.90 2.05 -15.36
N GLU B 157 -10.31 1.83 -14.11
CA GLU B 157 -11.00 0.57 -13.76
C GLU B 157 -12.36 0.52 -14.46
N GLU B 158 -13.07 1.63 -14.55
CA GLU B 158 -14.34 1.63 -15.30
C GLU B 158 -14.07 1.22 -16.74
N ALA B 159 -13.06 1.84 -17.36
CA ALA B 159 -12.79 1.59 -18.78
C ALA B 159 -12.37 0.14 -18.98
N ALA B 160 -11.50 -0.39 -18.11
CA ALA B 160 -10.98 -1.77 -18.24
C ALA B 160 -12.01 -2.83 -17.85
N GLY B 161 -13.03 -2.46 -17.09
CA GLY B 161 -14.01 -3.42 -16.63
C GLY B 161 -13.55 -4.17 -15.41
N GLY B 162 -12.68 -3.60 -14.59
CA GLY B 162 -12.25 -4.27 -13.35
C GLY B 162 -10.90 -3.78 -12.92
N TYR B 163 -10.27 -4.52 -12.03
CA TYR B 163 -9.11 -4.03 -11.25
C TYR B 163 -7.99 -5.06 -11.14
N SER B 164 -8.21 -6.32 -11.55
CA SER B 164 -7.30 -7.45 -11.30
C SER B 164 -6.20 -7.51 -12.36
N LEU B 165 -5.22 -8.36 -12.09
CA LEU B 165 -4.14 -8.61 -13.05
C LEU B 165 -4.68 -9.16 -14.37
N SER B 166 -5.66 -10.07 -14.34
CA SER B 166 -6.21 -10.61 -15.61
C SER B 166 -6.93 -9.53 -16.40
N VAL B 167 -7.64 -8.63 -15.71
CA VAL B 167 -8.30 -7.50 -16.40
C VAL B 167 -7.23 -6.58 -16.99
N ALA B 168 -6.15 -6.37 -16.27
CA ALA B 168 -5.04 -5.54 -16.79
C ALA B 168 -4.43 -6.16 -18.04
N LYS B 169 -4.30 -7.48 -18.06
CA LYS B 169 -3.73 -8.16 -19.24
C LYS B 169 -4.61 -7.92 -20.46
N THR B 170 -5.93 -8.07 -20.28
CA THR B 170 -6.88 -7.87 -21.38
C THR B 170 -6.83 -6.42 -21.86
N TYR B 171 -6.79 -5.48 -20.92
CA TYR B 171 -6.75 -4.04 -21.26
C TYR B 171 -5.46 -3.72 -22.01
N ALA B 172 -4.35 -4.26 -21.55
CA ALA B 172 -3.06 -4.09 -22.25
C ALA B 172 -3.16 -4.64 -23.67
N ASP B 173 -3.77 -5.81 -23.83
CA ASP B 173 -3.94 -6.35 -25.19
C ASP B 173 -4.69 -5.34 -26.07
N LEU B 174 -5.77 -4.78 -25.56
CA LEU B 174 -6.59 -3.81 -26.32
C LEU B 174 -5.71 -2.62 -26.73
N LEU B 175 -4.94 -2.08 -25.81
CA LEU B 175 -4.13 -0.88 -26.10
C LEU B 175 -2.95 -1.25 -27.00
N THR B 176 -2.35 -2.40 -26.80
CA THR B 176 -1.25 -2.85 -27.69
C THR B 176 -1.76 -2.96 -29.13
N GLU B 177 -2.98 -3.43 -29.36
CA GLU B 177 -3.53 -3.49 -30.75
CA GLU B 177 -3.47 -3.49 -30.76
C GLU B 177 -3.65 -2.07 -31.31
N ARG B 178 -4.07 -1.12 -30.49
CA ARG B 178 -4.18 0.26 -31.00
C ARG B 178 -2.81 0.75 -31.46
N ILE B 179 -1.75 0.40 -30.75
CA ILE B 179 -0.38 0.80 -31.13
C ILE B 179 0.03 0.10 -32.43
N LYS B 180 -0.16 -1.21 -32.49
CA LYS B 180 0.43 -1.97 -33.62
CA LYS B 180 0.43 -1.97 -33.62
C LYS B 180 -0.33 -1.70 -34.93
N THR B 181 -1.66 -1.73 -34.88
CA THR B 181 -2.47 -1.66 -36.13
C THR B 181 -3.59 -0.62 -36.07
N GLY B 182 -3.97 -0.16 -34.90
CA GLY B 182 -5.21 0.60 -34.71
C GLY B 182 -4.97 2.09 -34.58
N THR B 183 -5.73 2.71 -33.70
CA THR B 183 -5.85 4.19 -33.73
CA THR B 183 -5.87 4.19 -33.63
C THR B 183 -4.55 4.89 -33.34
N TYR B 184 -3.57 4.21 -32.73
CA TYR B 184 -2.30 4.88 -32.38
C TYR B 184 -1.19 4.53 -33.37
N SER B 185 -1.49 3.75 -34.39
CA SER B 185 -0.42 3.12 -35.18
C SER B 185 0.41 4.12 -35.99
N SER B 186 -0.11 5.29 -36.32
CA SER B 186 0.74 6.34 -36.94
CA SER B 186 0.73 6.35 -36.94
CA SER B 186 0.74 6.35 -36.93
C SER B 186 1.39 7.18 -35.82
N LYS B 187 0.63 7.55 -34.81
CA LYS B 187 1.14 8.44 -33.73
C LYS B 187 2.38 7.81 -33.11
N LYS B 188 2.35 6.50 -32.93
CA LYS B 188 3.34 5.83 -32.08
C LYS B 188 4.74 5.90 -32.69
N ASP B 189 4.84 6.15 -33.99
CA ASP B 189 6.14 6.28 -34.66
C ASP B 189 6.94 7.49 -34.17
N SER B 190 6.33 8.41 -33.39
N SER B 190 6.35 8.41 -33.39
CA SER B 190 6.99 9.60 -32.81
CA SER B 190 7.03 9.59 -32.81
C SER B 190 7.15 9.49 -31.28
C SER B 190 7.05 9.54 -31.27
N TRP B 191 6.57 8.47 -30.65
CA TRP B 191 6.46 8.43 -29.18
C TRP B 191 7.80 8.27 -28.51
N THR B 192 8.85 7.88 -29.21
CA THR B 192 10.17 7.80 -28.55
C THR B 192 11.13 8.86 -29.08
N ASP B 193 10.61 9.88 -29.72
CA ASP B 193 11.50 10.98 -30.15
C ASP B 193 12.17 11.59 -28.92
N GLY B 194 13.46 11.87 -29.02
CA GLY B 194 14.23 12.48 -27.92
C GLY B 194 14.76 11.48 -26.89
N ILE B 195 14.44 10.19 -27.01
CA ILE B 195 14.90 9.19 -26.01
C ILE B 195 16.42 9.17 -26.03
N ASP B 196 17.03 9.19 -24.86
CA ASP B 196 18.50 9.21 -24.78
C ASP B 196 18.93 8.51 -23.49
N ILE B 197 19.51 7.32 -23.60
CA ILE B 197 19.91 6.54 -22.41
C ILE B 197 20.98 7.31 -21.62
N LYS B 198 21.74 8.15 -22.30
CA LYS B 198 22.83 8.90 -21.64
C LYS B 198 22.26 10.10 -20.88
N ASP B 199 20.98 10.40 -21.03
CA ASP B 199 20.36 11.57 -20.37
C ASP B 199 18.98 11.18 -19.87
N PRO B 200 18.92 10.40 -18.79
CA PRO B 200 17.63 10.03 -18.20
C PRO B 200 16.77 11.21 -17.76
N VAL B 201 17.38 12.27 -17.26
CA VAL B 201 16.62 13.46 -16.84
C VAL B 201 15.94 14.05 -18.07
N SER B 202 16.69 14.36 -19.14
CA SER B 202 16.09 14.92 -20.38
CA SER B 202 16.04 14.96 -20.33
C SER B 202 14.96 14.03 -20.90
N THR B 203 15.25 12.74 -20.98
CA THR B 203 14.28 11.79 -21.57
C THR B 203 12.99 11.82 -20.75
N SER B 204 13.12 11.59 -19.44
CA SER B 204 11.92 11.48 -18.58
C SER B 204 11.19 12.82 -18.49
N MET B 205 11.91 13.94 -18.61
CA MET B 205 11.26 15.26 -18.63
C MET B 205 10.45 15.45 -19.91
N ILE B 206 10.87 14.89 -21.05
CA ILE B 206 10.03 14.98 -22.26
C ILE B 206 8.68 14.31 -21.95
N TRP B 207 8.74 13.13 -21.36
CA TRP B 207 7.54 12.30 -21.03
CA TRP B 207 7.50 12.34 -21.12
C TRP B 207 6.65 13.03 -20.04
N ALA B 208 7.27 13.56 -19.01
CA ALA B 208 6.51 14.29 -17.96
C ALA B 208 5.85 15.53 -18.54
N ALA B 209 6.57 16.25 -19.40
CA ALA B 209 6.02 17.46 -20.02
C ALA B 209 4.85 17.11 -20.95
N ASP B 210 4.97 16.01 -21.68
CA ASP B 210 3.89 15.52 -22.56
C ASP B 210 2.66 15.25 -21.70
N ALA B 211 2.80 14.46 -20.66
CA ALA B 211 1.65 14.14 -19.82
C ALA B 211 1.06 15.40 -19.18
N ASN B 212 1.92 16.29 -18.72
CA ASN B 212 1.49 17.54 -18.04
C ASN B 212 0.63 18.38 -18.98
N THR B 213 0.83 18.34 -20.29
CA THR B 213 -0.01 19.16 -21.21
C THR B 213 -1.48 18.78 -21.02
N TYR B 214 -1.77 17.53 -20.67
CA TYR B 214 -3.16 17.08 -20.53
C TYR B 214 -3.80 17.63 -19.24
N VAL B 215 -3.02 18.10 -18.28
CA VAL B 215 -3.61 18.77 -17.09
C VAL B 215 -4.43 19.95 -17.60
N CYS B 216 -3.89 20.73 -18.54
CA CYS B 216 -4.58 21.90 -19.11
CA CYS B 216 -4.63 21.90 -19.05
C CYS B 216 -5.66 21.50 -20.10
N SER B 217 -5.38 20.54 -20.97
CA SER B 217 -6.31 20.26 -22.09
C SER B 217 -7.50 19.40 -21.63
N THR B 218 -7.36 18.63 -20.57
CA THR B 218 -8.30 17.54 -20.28
C THR B 218 -8.62 17.48 -18.79
N VAL B 219 -7.64 17.48 -17.90
CA VAL B 219 -7.94 17.22 -16.47
C VAL B 219 -8.73 18.38 -15.89
N LEU B 220 -8.28 19.60 -16.18
CA LEU B 220 -8.82 20.80 -15.52
C LEU B 220 -9.48 21.76 -16.52
N ASP B 221 -9.61 21.39 -17.80
CA ASP B 221 -10.10 22.37 -18.81
C ASP B 221 -11.55 22.79 -18.54
N ASP B 222 -12.35 21.95 -17.89
CA ASP B 222 -13.78 22.28 -17.63
CA ASP B 222 -13.78 22.28 -17.60
C ASP B 222 -13.86 23.41 -16.60
N GLY B 223 -12.78 23.66 -15.87
CA GLY B 223 -12.78 24.65 -14.79
C GLY B 223 -13.25 24.03 -13.50
N LEU B 224 -12.79 24.59 -12.39
CA LEU B 224 -13.07 24.01 -11.08
C LEU B 224 -14.52 24.21 -10.67
N ALA B 225 -15.26 25.18 -11.20
CA ALA B 225 -16.68 25.30 -10.83
C ALA B 225 -17.38 23.99 -11.23
N TYR B 226 -17.15 23.58 -12.46
CA TYR B 226 -17.75 22.35 -13.00
C TYR B 226 -17.21 21.13 -12.22
N ILE B 227 -15.89 21.04 -12.07
CA ILE B 227 -15.25 19.84 -11.47
C ILE B 227 -15.71 19.66 -10.03
N ASN B 228 -15.90 20.75 -9.29
CA ASN B 228 -16.31 20.66 -7.87
C ASN B 228 -17.77 20.25 -7.70
N SER B 229 -18.62 20.50 -8.69
CA SER B 229 -20.09 20.44 -8.52
C SER B 229 -20.75 19.33 -9.34
N THR B 230 -20.02 18.67 -10.22
CA THR B 230 -20.63 17.73 -11.18
C THR B 230 -20.08 16.33 -10.93
N ASP B 231 -20.95 15.34 -11.02
CA ASP B 231 -20.48 13.95 -10.94
C ASP B 231 -19.66 13.67 -12.19
N LEU B 232 -18.41 13.27 -11.98
CA LEU B 232 -17.44 13.19 -13.09
C LEU B 232 -17.47 11.84 -13.81
N SER B 233 -18.42 10.98 -13.46
CA SER B 233 -18.59 9.69 -14.16
C SER B 233 -19.38 9.81 -15.47
N GLY B 234 -19.93 10.98 -15.76
CA GLY B 234 -20.68 11.19 -17.00
C GLY B 234 -19.80 11.74 -18.10
N GLU B 235 -20.07 12.97 -18.52
CA GLU B 235 -19.33 13.60 -19.64
CA GLU B 235 -19.34 13.63 -19.63
C GLU B 235 -17.84 13.69 -19.33
N TYR B 236 -17.45 13.91 -18.08
CA TYR B 236 -16.02 14.08 -17.77
C TYR B 236 -15.28 12.79 -18.05
N TYR B 237 -15.80 11.65 -17.62
CA TYR B 237 -15.24 10.33 -17.95
C TYR B 237 -15.17 10.15 -19.47
N ASP B 238 -16.23 10.48 -20.16
CA ASP B 238 -16.30 10.26 -21.62
C ASP B 238 -15.13 10.98 -22.31
N LYS B 239 -14.84 12.21 -21.90
CA LYS B 239 -13.72 12.92 -22.56
C LYS B 239 -12.36 12.52 -21.99
N SER B 240 -12.31 12.01 -20.78
CA SER B 240 -11.02 11.61 -20.15
C SER B 240 -10.53 10.29 -20.71
N GLN B 241 -11.45 9.39 -21.00
CA GLN B 241 -11.08 8.01 -21.39
C GLN B 241 -10.07 7.97 -22.53
N PRO B 242 -10.29 8.68 -23.65
CA PRO B 242 -9.29 8.58 -24.72
C PRO B 242 -7.90 9.06 -24.29
N VAL B 243 -7.87 10.01 -23.39
CA VAL B 243 -6.61 10.61 -22.92
C VAL B 243 -5.86 9.64 -22.01
N PHE B 244 -6.51 9.10 -20.97
CA PHE B 244 -5.75 8.18 -20.11
C PHE B 244 -5.42 6.90 -20.88
N GLU B 245 -6.25 6.48 -21.82
CA GLU B 245 -5.90 5.26 -22.55
C GLU B 245 -4.66 5.50 -23.42
N GLU B 246 -4.59 6.63 -24.11
CA GLU B 246 -3.39 6.87 -24.92
C GLU B 246 -2.17 7.05 -24.02
N LEU B 247 -2.33 7.69 -22.85
CA LEU B 247 -1.16 7.87 -21.95
C LEU B 247 -0.67 6.54 -21.38
N ILE B 248 -1.57 5.64 -21.03
CA ILE B 248 -1.16 4.28 -20.59
C ILE B 248 -0.43 3.56 -21.74
N ALA B 249 -0.96 3.67 -22.95
CA ALA B 249 -0.29 3.08 -24.12
C ALA B 249 1.10 3.66 -24.30
N LYS B 250 1.21 4.98 -24.25
CA LYS B 250 2.53 5.63 -24.38
C LYS B 250 3.48 5.17 -23.29
N ALA B 251 2.97 5.09 -22.07
CA ALA B 251 3.83 4.68 -20.95
C ALA B 251 4.40 3.29 -21.23
N GLY B 252 3.57 2.34 -21.66
CA GLY B 252 4.07 1.00 -21.91
C GLY B 252 5.08 0.99 -23.06
N TYR B 253 4.78 1.71 -24.12
CA TYR B 253 5.66 1.75 -25.31
C TYR B 253 7.00 2.37 -24.94
N ARG B 254 6.95 3.47 -24.19
CA ARG B 254 8.16 4.17 -23.78
C ARG B 254 8.94 3.35 -22.76
N LEU B 255 8.26 2.70 -21.82
CA LEU B 255 8.95 1.80 -20.87
C LEU B 255 9.70 0.72 -21.64
N ALA B 256 9.08 0.12 -22.64
CA ALA B 256 9.75 -0.91 -23.42
C ALA B 256 11.00 -0.35 -24.10
N ALA B 257 10.89 0.82 -24.71
CA ALA B 257 12.05 1.42 -25.40
C ALA B 257 13.16 1.69 -24.41
N TRP B 258 12.82 2.15 -23.22
CA TRP B 258 13.81 2.45 -22.17
C TRP B 258 14.49 1.17 -21.69
N LEU B 259 13.70 0.15 -21.39
CA LEU B 259 14.27 -1.15 -20.96
C LEU B 259 15.19 -1.69 -22.07
N ASP B 260 14.79 -1.56 -23.34
CA ASP B 260 15.68 -2.06 -24.42
C ASP B 260 17.03 -1.34 -24.37
N LEU B 261 17.04 -0.05 -24.10
CA LEU B 261 18.33 0.67 -24.03
C LEU B 261 19.11 0.23 -22.80
N ILE B 262 18.45 0.05 -21.66
CA ILE B 262 19.14 -0.39 -20.44
C ILE B 262 19.80 -1.75 -20.68
N ALA B 263 19.08 -2.65 -21.32
CA ALA B 263 19.55 -4.05 -21.51
C ALA B 263 20.63 -4.13 -22.59
N SER B 264 20.70 -3.17 -23.51
CA SER B 264 21.70 -3.10 -24.62
C SER B 264 23.08 -2.80 -24.05
ZN ZN C . -4.29 -11.61 18.63
ZN ZN D . -7.30 -12.55 17.48
ZN ZN E . -2.24 -15.45 16.98
C1 NAG F . -20.89 -9.08 9.31
C2 NAG F . -20.82 -10.46 8.63
C3 NAG F . -22.06 -11.23 8.99
C4 NAG F . -22.20 -11.31 10.51
C5 NAG F . -22.20 -9.91 11.12
C6 NAG F . -22.29 -9.94 12.66
C7 NAG F . -19.57 -10.47 6.46
C8 NAG F . -19.69 -10.15 4.99
N2 NAG F . -20.70 -10.34 7.18
O3 NAG F . -21.96 -12.56 8.45
O4 NAG F . -23.45 -11.90 10.84
O5 NAG F . -21.03 -9.24 10.70
O6 NAG F . -21.17 -10.54 13.38
O7 NAG F . -18.49 -10.81 6.96
C1 NAG G . 11.77 -26.73 9.94
C2 NAG G . 12.21 -27.51 8.70
C3 NAG G . 11.08 -27.48 7.67
C4 NAG G . 9.73 -27.92 8.27
C5 NAG G . 9.44 -27.15 9.54
C6 NAG G . 8.11 -27.54 10.18
C7 NAG G . 14.67 -27.41 8.38
C8 NAG G . 15.80 -26.89 7.53
N2 NAG G . 13.45 -26.97 8.10
O3 NAG G . 11.42 -28.33 6.58
O4 NAG G . 8.71 -27.69 7.33
O5 NAG G . 10.55 -27.32 10.45
O6 NAG G . 8.17 -28.89 10.59
O7 NAG G . 14.86 -28.23 9.28
P PO4 H . -5.18 -14.60 18.23
P PO4 H . -4.95 -14.59 18.24
O1 PO4 H . -5.47 -15.24 19.59
O1 PO4 H . -5.25 -14.78 19.72
O2 PO4 H . -3.68 -14.74 17.93
O2 PO4 H . -3.99 -13.42 18.11
O3 PO4 H . -6.01 -15.35 17.20
O3 PO4 H . -4.27 -15.85 17.71
O4 PO4 H . -5.56 -13.14 18.24
O4 PO4 H . -6.26 -14.31 17.46
N1 URI I . -4.10 -18.37 13.13
C2 URI I . -3.53 -17.49 12.23
N3 URI I . -3.41 -17.98 10.96
C4 URI I . -3.82 -19.21 10.49
C5 URI I . -4.40 -20.08 11.48
C6 URI I . -4.49 -19.64 12.74
O2 URI I . -3.16 -16.36 12.53
O4 URI I . -3.63 -19.50 9.31
C1' URI I . -4.27 -17.94 14.54
C2' URI I . -5.72 -18.03 15.02
C3' URI I . -5.68 -19.04 16.19
C4' URI I . -4.19 -19.00 16.59
O2' URI I . -6.26 -16.76 15.32
O3' URI I . -6.49 -18.73 17.31
O4' URI I . -3.50 -18.80 15.35
C5' URI I . -3.67 -20.25 17.27
O5' URI I . -2.30 -20.04 17.75
NA NA J . 18.56 -27.67 19.51
C1 BTB K . -10.75 0.63 -4.67
O1 BTB K . -11.90 0.48 -3.85
C2 BTB K . -10.51 -0.61 -5.54
C3 BTB K . -9.16 -0.44 -6.27
O3 BTB K . -8.96 -1.50 -7.18
C4 BTB K . -11.57 -0.69 -6.63
O4 BTB K . -11.67 0.55 -7.31
N BTB K . -10.65 -1.81 -4.63
C5 BTB K . -9.57 -1.79 -3.59
C6 BTB K . -10.01 -2.37 -2.26
O6 BTB K . -11.30 -1.91 -1.89
C7 BTB K . -10.75 -3.14 -5.31
C8 BTB K . -12.18 -3.61 -5.40
O8 BTB K . -12.85 -3.48 -4.17
ZN ZN L . 0.66 5.05 -9.91
ZN ZN M . 3.29 5.30 -7.80
ZN ZN N . -1.50 8.61 -7.95
C1 NAG O . 19.28 6.11 -5.34
C2 NAG O . 19.12 7.21 -4.28
C3 NAG O . 19.51 6.77 -2.88
C4 NAG O . 18.83 5.44 -2.53
C5 NAG O . 19.08 4.41 -3.63
C6 NAG O . 18.40 3.05 -3.35
C7 NAG O . 19.04 9.52 -5.12
C8 NAG O . 19.76 10.81 -5.27
N2 NAG O . 19.76 8.49 -4.63
O3 NAG O . 19.15 7.79 -1.93
O4 NAG O . 19.44 4.98 -1.32
O5 NAG O . 18.65 4.92 -4.89
O6 NAG O . 16.96 3.07 -3.22
O7 NAG O . 17.85 9.42 -5.38
C1 NAG P . -13.10 23.98 -6.30
C2 NAG P . -13.10 25.49 -6.03
C3 NAG P . -11.70 25.94 -5.67
C4 NAG P . -11.11 25.11 -4.55
C5 NAG P . -11.20 23.62 -4.86
C6 NAG P . -10.65 22.80 -3.71
C7 NAG P . -14.80 26.63 -7.46
C8 NAG P . -15.01 27.61 -8.56
N2 NAG P . -13.54 26.28 -7.19
O3 NAG P . -11.78 27.29 -5.28
O4 NAG P . -9.77 25.51 -4.31
O5 NAG P . -12.58 23.32 -5.12
O6 NAG P . -11.47 22.94 -2.56
O7 NAG P . -15.69 26.16 -6.76
P PO4 Q . 0.40 6.13 -7.10
P PO4 Q . 0.32 6.28 -7.01
O1 PO4 Q . -0.33 5.09 -6.24
O1 PO4 Q . -0.21 5.02 -6.32
O2 PO4 Q . 1.23 5.44 -8.14
O2 PO4 Q . 1.85 6.39 -6.79
O3 PO4 Q . -0.67 7.00 -7.78
O3 PO4 Q . -0.02 6.17 -8.48
O4 PO4 Q . 1.30 6.95 -6.19
O4 PO4 Q . -0.41 7.47 -6.41
N1 URI R . 0.74 12.38 -5.14
C2 URI R . 1.05 13.04 -6.32
N3 URI R . 1.41 14.35 -6.14
C4 URI R . 1.54 15.03 -4.95
C5 URI R . 1.16 14.29 -3.78
C6 URI R . 0.82 13.00 -3.92
O2 URI R . 1.02 12.53 -7.43
O4 URI R . 1.88 16.22 -4.96
C1' URI R . 0.32 10.97 -5.19
C2' URI R . 1.19 10.09 -4.30
C3' URI R . 0.19 9.45 -3.31
C4' URI R . -1.15 9.60 -4.04
O2' URI R . 1.96 9.22 -5.11
O3' URI R . 0.50 8.11 -2.96
O4' URI R . -1.01 10.88 -4.70
C5' URI R . -2.36 9.64 -3.15
O5' URI R . -3.58 9.64 -3.94
C1 BTB S . 21.85 18.11 -20.77
O1 BTB S . 22.24 17.03 -19.94
C2 BTB S . 21.65 19.39 -19.94
C3 BTB S . 20.99 20.46 -20.82
O3 BTB S . 20.86 21.69 -20.11
C4 BTB S . 23.01 19.91 -19.48
O4 BTB S . 23.90 20.04 -20.59
N BTB S . 20.81 19.03 -18.71
C5 BTB S . 20.78 20.00 -17.58
C6 BTB S . 21.70 19.63 -16.44
O6 BTB S . 21.63 18.25 -16.16
C7 BTB S . 19.43 18.57 -19.06
C8 BTB S . 18.92 17.53 -18.09
O8 BTB S . 19.84 16.45 -17.92
#